data_4DX0
#
_entry.id   4DX0
#
_cell.length_a   98.450
_cell.length_b   98.450
_cell.length_c   216.710
_cell.angle_alpha   90.000
_cell.angle_beta   90.000
_cell.angle_gamma   90.000
#
_symmetry.space_group_name_H-M   'I 41 2 2'
#
loop_
_entity.id
_entity.type
_entity.pdbx_description
1 polymer '14-3-3-like protein E'
2 polymer 'N.plumbaginifolia H+-translocating ATPase mRNA'
3 non-polymer '4-[(4R)-4-(4-nitrophenyl)-6-oxidanylidene-3-phenyl-1,4-dihydropyrrolo[3,4-c]pyrazol-5-yl]benzoic acid'
#
loop_
_entity_poly.entity_id
_entity_poly.type
_entity_poly.pdbx_seq_one_letter_code
_entity_poly.pdbx_strand_id
1 'polypeptide(L)'
;GAMGSMAESTREENVYMAKLAEQAERYEEMVEFMEKVAKTVDVEELTVEERNLLSVAYKNVIGARRASWRIISSIEQKEE
SRGNEDHVSSIKEYRGKIEAELSKICDGILNLLESHLIPVASTAESKVFYLKMKGDYHRYLAEFKTGAERKEAAENTLLA
YKSAQDIALAELAPTHPIRLGLALNFSVFYYEILNSSDRACNLAKQAFDDAIAELDTLGEESYKDSTLIMQLLRDNLTLW
TSD
;
A
2 'polypeptide(L)' RRELHTLKGHVEAVVKLKGLDIETIQQSYDI P
#
# COMPACT_ATOMS: atom_id res chain seq x y z
N SER A 9 10.54 -8.30 29.92
CA SER A 9 11.70 -8.86 29.15
C SER A 9 11.25 -9.78 28.02
N THR A 10 10.14 -10.49 28.23
CA THR A 10 9.61 -11.42 27.22
C THR A 10 8.56 -10.74 26.34
N ARG A 11 9.01 -10.22 25.20
CA ARG A 11 8.13 -9.61 24.21
C ARG A 11 7.71 -10.60 23.13
N GLU A 12 8.13 -11.86 23.30
CA GLU A 12 7.84 -12.94 22.35
C GLU A 12 6.38 -13.41 22.39
N GLU A 13 5.67 -13.08 23.49
CA GLU A 13 4.27 -13.44 23.64
C GLU A 13 3.37 -12.65 22.68
N ASN A 14 3.74 -11.39 22.42
CA ASN A 14 3.02 -10.52 21.49
C ASN A 14 3.22 -10.95 20.03
N VAL A 15 4.37 -11.57 19.75
CA VAL A 15 4.65 -12.17 18.45
C VAL A 15 3.72 -13.37 18.24
N TYR A 16 3.46 -14.09 19.34
CA TYR A 16 2.59 -15.26 19.33
C TYR A 16 1.11 -14.89 19.29
N MET A 17 0.76 -13.80 19.99
CA MET A 17 -0.64 -13.34 20.05
C MET A 17 -1.09 -12.61 18.79
N ALA A 18 -0.14 -12.23 17.94
CA ALA A 18 -0.43 -11.59 16.66
C ALA A 18 -0.65 -12.62 15.55
N LYS A 19 0.08 -13.73 15.64
CA LYS A 19 -0.08 -14.86 14.72
C LYS A 19 -1.46 -15.49 14.86
N LEU A 20 -2.00 -15.44 16.08
CA LEU A 20 -3.36 -15.88 16.36
C LEU A 20 -4.39 -14.92 15.78
N ALA A 21 -4.14 -13.62 15.96
CA ALA A 21 -5.01 -12.57 15.44
C ALA A 21 -5.06 -12.57 13.91
N GLU A 22 -3.94 -12.92 13.29
CA GLU A 22 -3.86 -13.10 11.84
C GLU A 22 -4.65 -14.33 11.42
N GLN A 23 -4.42 -15.44 12.14
CA GLN A 23 -5.04 -16.73 11.85
C GLN A 23 -6.56 -16.64 11.97
N ALA A 24 -7.02 -15.93 12.99
CA ALA A 24 -8.46 -15.73 13.22
C ALA A 24 -9.03 -14.62 12.34
N GLU A 25 -8.15 -13.97 11.57
CA GLU A 25 -8.50 -12.86 10.69
C GLU A 25 -9.20 -11.71 11.42
N ARG A 26 -8.56 -11.26 12.50
CA ARG A 26 -8.99 -10.07 13.23
C ARG A 26 -7.82 -9.08 13.22
N TYR A 27 -7.77 -8.29 12.15
CA TYR A 27 -6.58 -7.53 11.78
C TYR A 27 -6.28 -6.28 12.62
N GLU A 28 -7.33 -5.57 13.03
N GLU A 28 -7.33 -5.57 13.04
CA GLU A 28 -7.18 -4.36 13.85
CA GLU A 28 -7.20 -4.37 13.85
C GLU A 28 -6.51 -4.64 15.20
C GLU A 28 -6.53 -4.63 15.20
N GLU A 29 -6.71 -5.85 15.70
CA GLU A 29 -6.10 -6.27 16.96
C GLU A 29 -4.65 -6.72 16.79
N MET A 30 -4.35 -7.29 15.62
CA MET A 30 -2.97 -7.67 15.26
C MET A 30 -2.05 -6.45 15.23
N VAL A 31 -2.60 -5.33 14.75
CA VAL A 31 -1.91 -4.04 14.78
C VAL A 31 -1.53 -3.69 16.21
N GLU A 32 -2.46 -3.87 17.14
CA GLU A 32 -2.23 -3.61 18.57
C GLU A 32 -1.24 -4.60 19.17
N PHE A 33 -1.28 -5.85 18.71
CA PHE A 33 -0.32 -6.86 19.13
C PHE A 33 1.07 -6.65 18.51
N MET A 34 1.18 -5.63 17.66
CA MET A 34 2.43 -5.29 16.99
C MET A 34 2.92 -3.88 17.34
N GLU A 35 1.99 -3.01 17.72
CA GLU A 35 2.32 -1.70 18.29
C GLU A 35 3.09 -1.88 19.59
N LYS A 36 2.69 -2.89 20.35
CA LYS A 36 3.36 -3.24 21.61
C LYS A 36 4.77 -3.79 21.36
N VAL A 37 4.92 -4.58 20.29
CA VAL A 37 6.21 -5.18 19.93
C VAL A 37 7.29 -4.12 19.73
N ALA A 38 6.98 -3.07 18.97
CA ALA A 38 7.92 -2.00 18.69
C ALA A 38 8.28 -1.15 19.93
N LYS A 39 7.30 -1.00 20.83
CA LYS A 39 7.45 -0.12 21.99
C LYS A 39 8.07 -0.80 23.22
N THR A 40 7.66 -2.03 23.51
CA THR A 40 8.20 -2.82 24.64
C THR A 40 9.66 -3.20 24.41
N VAL A 41 9.99 -3.42 23.13
CA VAL A 41 11.35 -3.66 22.68
C VAL A 41 12.23 -2.42 22.92
N ASP A 42 11.59 -1.25 22.91
CA ASP A 42 12.22 0.07 23.07
C ASP A 42 12.66 0.65 21.73
N VAL A 43 13.90 0.34 21.33
CA VAL A 43 14.51 0.90 20.13
C VAL A 43 15.43 -0.13 19.45
N GLU A 44 15.13 -1.43 19.64
CA GLU A 44 16.01 -2.51 19.18
C GLU A 44 15.96 -2.74 17.68
N GLU A 45 16.93 -3.50 17.18
CA GLU A 45 17.00 -3.91 15.78
C GLU A 45 15.88 -4.92 15.50
N LEU A 46 14.85 -4.46 14.78
CA LEU A 46 13.64 -5.25 14.56
C LEU A 46 13.82 -6.34 13.50
N THR A 47 13.33 -7.54 13.81
CA THR A 47 13.57 -8.75 13.03
C THR A 47 12.77 -8.83 11.72
N VAL A 48 13.06 -9.85 10.92
CA VAL A 48 12.36 -10.11 9.66
C VAL A 48 10.92 -10.57 9.92
N GLU A 49 10.74 -11.39 10.95
CA GLU A 49 9.42 -11.90 11.35
C GLU A 49 8.46 -10.78 11.75
N GLU A 50 8.87 -9.97 12.72
CA GLU A 50 8.03 -8.93 13.30
C GLU A 50 7.69 -7.82 12.31
N ARG A 51 8.61 -7.55 11.39
CA ARG A 51 8.45 -6.53 10.36
C ARG A 51 7.35 -6.92 9.37
N ASN A 52 7.41 -8.17 8.89
CA ASN A 52 6.42 -8.70 7.96
C ASN A 52 5.04 -8.80 8.59
N LEU A 53 5.00 -9.11 9.89
CA LEU A 53 3.76 -9.13 10.65
C LEU A 53 3.17 -7.73 10.77
N LEU A 54 4.03 -6.74 10.99
CA LEU A 54 3.63 -5.33 11.04
C LEU A 54 3.17 -4.86 9.67
N SER A 55 3.93 -5.24 8.64
CA SER A 55 3.58 -4.95 7.25
C SER A 55 2.20 -5.53 6.92
N VAL A 56 2.11 -6.86 6.94
CA VAL A 56 0.85 -7.58 6.72
C VAL A 56 -0.30 -6.97 7.51
N ALA A 57 -0.06 -6.68 8.79
CA ALA A 57 -1.07 -6.15 9.70
C ALA A 57 -1.69 -4.85 9.18
N TYR A 58 -0.89 -3.79 9.13
CA TYR A 58 -1.36 -2.48 8.70
C TYR A 58 -1.90 -2.48 7.27
N LYS A 59 -1.25 -3.26 6.39
CA LYS A 59 -1.69 -3.38 4.99
C LYS A 59 -3.08 -3.99 4.88
N ASN A 60 -3.34 -5.03 5.68
CA ASN A 60 -4.65 -5.69 5.70
C ASN A 60 -5.75 -4.82 6.31
N VAL A 61 -5.39 -4.07 7.36
CA VAL A 61 -6.32 -3.13 7.99
C VAL A 61 -6.69 -2.04 7.00
N ILE A 62 -5.68 -1.39 6.42
CA ILE A 62 -5.88 -0.36 5.41
C ILE A 62 -6.61 -0.92 4.18
N GLY A 63 -6.18 -2.09 3.72
CA GLY A 63 -6.79 -2.76 2.57
C GLY A 63 -8.30 -2.90 2.71
N ALA A 64 -8.74 -3.27 3.91
CA ALA A 64 -10.16 -3.40 4.22
C ALA A 64 -10.91 -2.07 4.15
N ARG A 65 -10.19 -0.97 4.41
CA ARG A 65 -10.78 0.37 4.37
C ARG A 65 -10.84 0.89 2.94
N ARG A 66 -9.72 0.73 2.21
CA ARG A 66 -9.63 1.19 0.82
C ARG A 66 -10.62 0.46 -0.08
N ALA A 67 -10.81 -0.83 0.19
CA ALA A 67 -11.80 -1.63 -0.52
C ALA A 67 -13.19 -1.05 -0.30
N SER A 68 -13.51 -0.78 0.97
CA SER A 68 -14.78 -0.13 1.34
C SER A 68 -14.91 1.22 0.65
N TRP A 69 -13.81 1.99 0.67
CA TRP A 69 -13.75 3.32 0.07
C TRP A 69 -14.05 3.29 -1.42
N ARG A 70 -13.27 2.50 -2.17
CA ARG A 70 -13.38 2.44 -3.62
C ARG A 70 -14.71 1.90 -4.13
N ILE A 71 -15.38 1.10 -3.30
CA ILE A 71 -16.73 0.63 -3.60
C ILE A 71 -17.73 1.77 -3.37
N ILE A 72 -17.71 2.33 -2.17
CA ILE A 72 -18.59 3.44 -1.78
C ILE A 72 -18.50 4.62 -2.75
N SER A 73 -17.26 5.00 -3.10
CA SER A 73 -17.01 6.10 -4.02
C SER A 73 -17.56 5.84 -5.43
N SER A 74 -17.52 4.58 -5.85
CA SER A 74 -18.00 4.18 -7.17
C SER A 74 -19.52 4.09 -7.23
N ILE A 75 -20.15 3.90 -6.08
CA ILE A 75 -21.62 3.95 -5.97
C ILE A 75 -22.06 5.41 -6.01
N GLU A 76 -21.24 6.29 -5.43
CA GLU A 76 -21.52 7.72 -5.38
C GLU A 76 -21.48 8.36 -6.77
N GLN A 77 -20.63 7.83 -7.65
CA GLN A 77 -20.50 8.32 -9.02
C GLN A 77 -21.72 7.95 -9.89
N LYS A 78 -22.22 6.74 -9.71
CA LYS A 78 -23.44 6.29 -10.41
C LYS A 78 -24.68 6.99 -9.87
N GLU A 79 -24.51 7.72 -8.77
CA GLU A 79 -25.59 8.45 -8.13
C GLU A 79 -25.57 9.93 -8.50
N GLU A 80 -24.36 10.49 -8.66
CA GLU A 80 -24.19 11.83 -9.21
C GLU A 80 -24.56 11.86 -10.68
N SER A 81 -24.48 10.70 -11.34
CA SER A 81 -24.89 10.52 -12.73
C SER A 81 -26.41 10.66 -12.91
N ARG A 82 -27.13 10.50 -11.80
CA ARG A 82 -28.59 10.67 -11.79
C ARG A 82 -29.01 11.94 -11.03
N GLY A 83 -28.06 12.50 -10.28
CA GLY A 83 -28.27 13.77 -9.56
C GLY A 83 -29.17 13.67 -8.34
N ASN A 84 -29.05 12.58 -7.59
CA ASN A 84 -29.85 12.37 -6.38
C ASN A 84 -29.11 12.84 -5.13
N GLU A 85 -29.24 14.14 -4.83
CA GLU A 85 -28.53 14.76 -3.72
C GLU A 85 -28.87 14.16 -2.35
N ASP A 86 -30.11 13.74 -2.18
CA ASP A 86 -30.56 13.11 -0.94
C ASP A 86 -29.95 11.71 -0.77
N HIS A 87 -29.57 11.10 -1.88
CA HIS A 87 -28.89 9.80 -1.86
C HIS A 87 -27.37 9.97 -1.72
N VAL A 88 -26.80 10.90 -2.50
CA VAL A 88 -25.36 11.15 -2.53
C VAL A 88 -24.80 11.61 -1.17
N SER A 89 -25.51 12.54 -0.52
CA SER A 89 -25.08 13.10 0.75
C SER A 89 -24.89 12.06 1.86
N SER A 90 -25.81 11.10 1.92
CA SER A 90 -25.76 10.02 2.90
C SER A 90 -24.61 9.05 2.60
N ILE A 91 -24.33 8.85 1.31
CA ILE A 91 -23.18 8.06 0.86
C ILE A 91 -21.88 8.74 1.28
N LYS A 92 -21.82 10.06 1.04
CA LYS A 92 -20.62 10.86 1.30
C LYS A 92 -20.27 10.92 2.79
N GLU A 93 -21.28 11.08 3.64
CA GLU A 93 -21.07 11.16 5.08
C GLU A 93 -20.59 9.83 5.64
N TYR A 94 -21.09 8.73 5.07
CA TYR A 94 -20.63 7.39 5.39
C TYR A 94 -19.17 7.21 4.97
N ARG A 95 -18.83 7.78 3.80
CA ARG A 95 -17.46 7.82 3.31
C ARG A 95 -16.58 8.66 4.24
N GLY A 96 -17.19 9.68 4.83
CA GLY A 96 -16.52 10.55 5.81
C GLY A 96 -16.00 9.78 7.02
N LYS A 97 -16.76 8.76 7.42
CA LYS A 97 -16.37 7.89 8.53
C LYS A 97 -15.16 7.03 8.13
N ILE A 98 -15.20 6.48 6.92
CA ILE A 98 -14.12 5.63 6.40
C ILE A 98 -12.85 6.43 6.19
N GLU A 99 -12.99 7.64 5.63
CA GLU A 99 -11.86 8.55 5.42
C GLU A 99 -11.21 8.98 6.73
N ALA A 100 -12.04 9.17 7.75
CA ALA A 100 -11.57 9.52 9.10
C ALA A 100 -10.79 8.36 9.71
N GLU A 101 -11.29 7.13 9.51
CA GLU A 101 -10.61 5.92 9.96
C GLU A 101 -9.25 5.77 9.29
N LEU A 102 -9.23 5.91 7.97
CA LEU A 102 -8.02 5.84 7.16
C LEU A 102 -6.93 6.79 7.64
N SER A 103 -7.33 8.03 7.91
CA SER A 103 -6.41 9.07 8.39
C SER A 103 -5.67 8.63 9.65
N LYS A 104 -6.41 8.06 10.60
CA LYS A 104 -5.87 7.66 11.89
C LYS A 104 -4.87 6.51 11.80
N ILE A 105 -5.17 5.52 10.95
CA ILE A 105 -4.30 4.35 10.77
C ILE A 105 -2.95 4.77 10.17
N CYS A 106 -3.00 5.67 9.18
CA CYS A 106 -1.80 6.23 8.58
C CYS A 106 -1.08 7.13 9.57
N ASP A 107 -1.84 7.97 10.28
CA ASP A 107 -1.28 8.82 11.33
C ASP A 107 -0.89 8.02 12.58
N GLY A 108 -0.98 6.70 12.46
CA GLY A 108 -0.55 5.79 13.53
C GLY A 108 0.74 5.09 13.18
N ILE A 109 0.83 4.58 11.95
CA ILE A 109 2.00 3.86 11.48
C ILE A 109 3.19 4.77 11.19
N LEU A 110 2.92 5.93 10.56
CA LEU A 110 3.97 6.78 10.01
C LEU A 110 4.93 7.37 11.04
N ASN A 111 4.41 7.98 12.11
CA ASN A 111 5.28 8.51 13.17
C ASN A 111 5.88 7.43 14.07
N LEU A 112 5.24 6.25 14.08
CA LEU A 112 5.80 5.07 14.73
C LEU A 112 6.94 4.53 13.88
N LEU A 113 6.76 4.62 12.56
CA LEU A 113 7.79 4.28 11.59
C LEU A 113 8.92 5.31 11.68
N GLU A 114 8.53 6.56 11.90
CA GLU A 114 9.46 7.68 12.06
C GLU A 114 10.25 7.59 13.36
N SER A 115 9.58 7.23 14.45
CA SER A 115 10.17 7.28 15.78
C SER A 115 11.15 6.14 16.09
N HIS A 116 10.74 4.90 15.81
CA HIS A 116 11.51 3.73 16.25
C HIS A 116 12.00 2.80 15.13
N LEU A 117 11.63 3.07 13.89
CA LEU A 117 11.89 2.12 12.80
C LEU A 117 12.86 2.60 11.72
N ILE A 118 12.67 3.81 11.22
CA ILE A 118 13.59 4.40 10.22
C ILE A 118 14.99 4.67 10.82
N PRO A 119 15.08 5.31 12.01
CA PRO A 119 16.39 5.59 12.61
C PRO A 119 17.20 4.34 12.94
N VAL A 120 16.52 3.26 13.34
CA VAL A 120 17.20 2.02 13.70
C VAL A 120 17.13 1.02 12.54
N ALA A 121 17.70 1.43 11.41
CA ALA A 121 17.81 0.57 10.23
C ALA A 121 19.28 0.42 9.85
N SER A 122 19.74 -0.83 9.85
CA SER A 122 21.16 -1.13 9.68
C SER A 122 21.55 -1.52 8.25
N THR A 123 21.00 -2.64 7.78
CA THR A 123 21.37 -3.21 6.47
C THR A 123 20.81 -2.41 5.30
N ALA A 124 21.24 -2.78 4.09
CA ALA A 124 20.83 -2.09 2.86
C ALA A 124 19.35 -2.27 2.55
N GLU A 125 18.87 -3.51 2.62
CA GLU A 125 17.49 -3.84 2.29
C GLU A 125 16.48 -3.35 3.35
N SER A 126 16.93 -3.24 4.59
CA SER A 126 16.08 -2.79 5.69
C SER A 126 15.65 -1.34 5.52
N LYS A 127 16.58 -0.48 5.13
CA LYS A 127 16.32 0.93 4.88
C LYS A 127 15.37 1.15 3.70
N VAL A 128 15.51 0.33 2.66
CA VAL A 128 14.64 0.41 1.49
C VAL A 128 13.20 0.04 1.85
N PHE A 129 13.04 -1.07 2.57
CA PHE A 129 11.72 -1.55 2.99
C PHE A 129 10.95 -0.49 3.76
N TYR A 130 11.58 0.06 4.80
CA TYR A 130 10.94 1.05 5.68
C TYR A 130 10.64 2.38 5.00
N LEU A 131 11.55 2.81 4.13
CA LEU A 131 11.35 4.05 3.37
C LEU A 131 10.25 3.88 2.30
N LYS A 132 10.25 2.72 1.65
CA LYS A 132 9.19 2.32 0.73
C LYS A 132 7.85 2.29 1.47
N MET A 133 7.88 1.73 2.68
CA MET A 133 6.71 1.65 3.54
C MET A 133 6.18 3.04 3.92
N LYS A 134 7.11 3.96 4.19
CA LYS A 134 6.75 5.35 4.49
C LYS A 134 6.08 5.99 3.28
N GLY A 135 6.72 5.84 2.12
CA GLY A 135 6.17 6.32 0.85
C GLY A 135 4.81 5.73 0.55
N ASP A 136 4.63 4.45 0.90
CA ASP A 136 3.35 3.77 0.71
C ASP A 136 2.23 4.49 1.45
N TYR A 137 2.26 4.49 2.78
CA TYR A 137 1.17 5.03 3.58
C TYR A 137 0.91 6.53 3.37
N HIS A 138 1.94 7.26 2.91
CA HIS A 138 1.78 8.64 2.49
C HIS A 138 0.95 8.72 1.20
N ARG A 139 1.18 7.77 0.30
CA ARG A 139 0.42 7.65 -0.95
C ARG A 139 -1.03 7.25 -0.67
N TYR A 140 -1.21 6.41 0.35
CA TYR A 140 -2.53 5.96 0.78
C TYR A 140 -3.38 7.13 1.28
N LEU A 141 -2.71 8.14 1.82
CA LEU A 141 -3.36 9.38 2.24
C LEU A 141 -3.81 10.19 1.03
N ALA A 142 -2.96 10.25 0.02
CA ALA A 142 -3.21 11.03 -1.20
C ALA A 142 -4.44 10.56 -1.98
N GLU A 143 -4.88 9.33 -1.71
CA GLU A 143 -6.03 8.74 -2.38
C GLU A 143 -7.34 9.50 -2.14
N PHE A 144 -7.50 10.06 -0.95
CA PHE A 144 -8.79 10.64 -0.55
C PHE A 144 -8.73 12.11 -0.09
N LYS A 145 -7.54 12.57 0.28
CA LYS A 145 -7.35 13.95 0.74
C LYS A 145 -7.53 14.97 -0.39
N THR A 146 -7.77 16.24 -0.04
CA THR A 146 -8.04 17.29 -1.02
C THR A 146 -7.17 18.54 -0.86
N GLY A 147 -7.09 19.05 0.37
CA GLY A 147 -6.47 20.35 0.64
C GLY A 147 -4.96 20.37 0.68
N ALA A 148 -4.42 21.14 1.62
CA ALA A 148 -2.97 21.27 1.81
C ALA A 148 -2.34 19.94 2.23
N GLU A 149 -3.13 19.09 2.88
CA GLU A 149 -2.70 17.76 3.28
C GLU A 149 -2.43 16.87 2.06
N ARG A 150 -3.21 17.07 1.01
CA ARG A 150 -3.07 16.30 -0.23
C ARG A 150 -1.76 16.60 -0.95
N LYS A 151 -1.41 17.88 -1.02
CA LYS A 151 -0.15 18.32 -1.63
C LYS A 151 1.05 17.82 -0.81
N GLU A 152 0.92 17.93 0.51
CA GLU A 152 1.95 17.46 1.44
C GLU A 152 2.21 15.96 1.27
N ALA A 153 1.14 15.21 0.99
CA ALA A 153 1.25 13.78 0.75
C ALA A 153 2.09 13.49 -0.49
N ALA A 154 1.59 13.93 -1.66
CA ALA A 154 2.29 13.73 -2.93
C ALA A 154 3.76 14.15 -2.87
N GLU A 155 4.03 15.22 -2.12
CA GLU A 155 5.40 15.68 -1.89
C GLU A 155 6.17 14.70 -1.01
N ASN A 156 5.64 14.39 0.17
CA ASN A 156 6.26 13.46 1.10
C ASN A 156 6.43 12.06 0.51
N THR A 157 5.52 11.70 -0.39
CA THR A 157 5.56 10.42 -1.10
C THR A 157 6.71 10.40 -2.09
N LEU A 158 6.78 11.43 -2.93
CA LEU A 158 7.81 11.55 -3.96
C LEU A 158 9.21 11.54 -3.37
N LEU A 159 9.38 12.26 -2.27
CA LEU A 159 10.67 12.34 -1.57
C LEU A 159 11.05 11.01 -0.93
N ALA A 160 10.07 10.33 -0.35
CA ALA A 160 10.30 9.05 0.31
C ALA A 160 10.62 7.93 -0.68
N TYR A 161 9.89 7.90 -1.79
CA TYR A 161 10.10 6.89 -2.83
C TYR A 161 11.43 7.04 -3.55
N LYS A 162 11.81 8.28 -3.86
CA LYS A 162 13.08 8.58 -4.51
C LYS A 162 14.26 8.32 -3.58
N SER A 163 14.07 8.63 -2.30
CA SER A 163 15.06 8.35 -1.26
C SER A 163 15.31 6.84 -1.15
N ALA A 164 14.25 6.07 -1.30
CA ALA A 164 14.32 4.61 -1.29
C ALA A 164 14.93 4.06 -2.58
N GLN A 165 14.57 4.67 -3.71
CA GLN A 165 15.05 4.24 -5.03
C GLN A 165 16.57 4.28 -5.15
N ASP A 166 17.18 5.34 -4.63
CA ASP A 166 18.63 5.53 -4.67
C ASP A 166 19.38 4.40 -3.99
N ILE A 167 18.89 3.95 -2.84
CA ILE A 167 19.47 2.83 -2.12
C ILE A 167 19.16 1.51 -2.82
N ALA A 168 17.95 1.42 -3.37
CA ALA A 168 17.47 0.19 -4.02
C ALA A 168 18.22 -0.16 -5.31
N LEU A 169 18.40 0.83 -6.18
CA LEU A 169 19.09 0.63 -7.46
C LEU A 169 20.57 0.28 -7.29
N ALA A 170 21.19 0.84 -6.24
CA ALA A 170 22.62 0.69 -6.02
C ALA A 170 23.00 -0.48 -5.12
N GLU A 171 22.40 -0.53 -3.93
CA GLU A 171 22.78 -1.50 -2.90
C GLU A 171 22.20 -2.91 -3.12
N LEU A 172 21.11 -3.01 -3.88
CA LEU A 172 20.44 -4.29 -4.07
C LEU A 172 20.35 -4.72 -5.54
N ALA A 173 20.33 -6.04 -5.76
CA ALA A 173 20.27 -6.64 -7.08
C ALA A 173 18.89 -6.45 -7.72
N PRO A 174 18.85 -6.16 -9.05
CA PRO A 174 17.63 -5.90 -9.82
C PRO A 174 16.49 -6.91 -9.64
N THR A 175 16.82 -8.13 -9.22
CA THR A 175 15.82 -9.20 -9.04
C THR A 175 15.34 -9.32 -7.58
N HIS A 176 15.83 -8.45 -6.70
CA HIS A 176 15.44 -8.45 -5.29
C HIS A 176 14.01 -7.94 -5.13
N PRO A 177 13.15 -8.74 -4.45
CA PRO A 177 11.70 -8.49 -4.34
C PRO A 177 11.31 -7.04 -4.06
N ILE A 178 11.87 -6.45 -3.01
CA ILE A 178 11.48 -5.09 -2.59
C ILE A 178 11.92 -4.00 -3.57
N ARG A 179 13.02 -4.24 -4.27
CA ARG A 179 13.52 -3.33 -5.30
C ARG A 179 12.52 -3.23 -6.45
N LEU A 180 11.86 -4.34 -6.76
CA LEU A 180 10.79 -4.36 -7.76
C LEU A 180 9.47 -3.89 -7.16
N GLY A 181 9.20 -4.30 -5.91
CA GLY A 181 8.00 -3.91 -5.20
C GLY A 181 7.90 -2.41 -5.01
N LEU A 182 9.02 -1.81 -4.62
CA LEU A 182 9.16 -0.35 -4.55
C LEU A 182 8.87 0.26 -5.92
N ALA A 183 9.53 -0.27 -6.95
CA ALA A 183 9.35 0.19 -8.32
C ALA A 183 7.91 0.08 -8.77
N LEU A 184 7.23 -0.99 -8.34
CA LEU A 184 5.82 -1.22 -8.66
C LEU A 184 4.93 -0.16 -8.03
N ASN A 185 5.12 0.09 -6.74
CA ASN A 185 4.37 1.10 -6.01
C ASN A 185 4.71 2.52 -6.43
N PHE A 186 5.99 2.76 -6.69
CA PHE A 186 6.49 4.02 -7.23
C PHE A 186 5.80 4.28 -8.57
N SER A 187 5.65 3.22 -9.36
CA SER A 187 5.06 3.29 -10.70
C SER A 187 3.58 3.66 -10.67
N VAL A 188 2.85 3.13 -9.69
CA VAL A 188 1.43 3.43 -9.51
C VAL A 188 1.25 4.87 -9.03
N PHE A 189 2.14 5.30 -8.14
CA PHE A 189 2.13 6.66 -7.59
C PHE A 189 2.03 7.74 -8.66
N TYR A 190 2.83 7.61 -9.71
CA TYR A 190 2.82 8.56 -10.83
C TYR A 190 1.50 8.53 -11.60
N TYR A 191 1.04 7.33 -11.95
CA TYR A 191 -0.16 7.15 -12.77
C TYR A 191 -1.44 7.53 -12.03
N GLU A 192 -1.55 7.08 -10.78
CA GLU A 192 -2.78 7.27 -10.01
C GLU A 192 -2.87 8.64 -9.38
N ILE A 193 -1.80 9.06 -8.71
CA ILE A 193 -1.80 10.30 -7.93
C ILE A 193 -1.39 11.51 -8.78
N LEU A 194 -0.26 11.40 -9.49
CA LEU A 194 0.29 12.53 -10.25
C LEU A 194 -0.26 12.68 -11.67
N ASN A 195 -1.14 11.77 -12.07
CA ASN A 195 -1.85 11.82 -13.36
C ASN A 195 -0.98 11.89 -14.62
N SER A 196 0.30 11.56 -14.48
CA SER A 196 1.24 11.56 -15.61
C SER A 196 1.65 10.13 -15.97
N SER A 197 1.00 9.59 -16.99
CA SER A 197 1.22 8.21 -17.44
C SER A 197 2.60 8.00 -18.05
N ASP A 198 3.25 9.09 -18.46
CA ASP A 198 4.52 9.04 -19.17
C ASP A 198 5.68 8.55 -18.29
N ARG A 199 5.93 9.26 -17.20
CA ARG A 199 7.03 8.94 -16.29
C ARG A 199 6.79 7.62 -15.54
N ALA A 200 5.52 7.22 -15.48
CA ALA A 200 5.12 5.95 -14.86
C ALA A 200 5.52 4.76 -15.73
N CYS A 201 5.16 4.82 -17.02
CA CYS A 201 5.46 3.75 -17.97
C CYS A 201 6.97 3.53 -18.15
N ASN A 202 7.73 4.62 -18.07
CA ASN A 202 9.18 4.58 -18.23
C ASN A 202 9.89 3.87 -17.07
N LEU A 203 9.49 4.19 -15.84
CA LEU A 203 10.08 3.56 -14.65
C LEU A 203 9.68 2.09 -14.57
N ALA A 204 8.47 1.79 -15.02
CA ALA A 204 7.93 0.43 -15.00
C ALA A 204 8.73 -0.54 -15.87
N LYS A 205 9.01 -0.15 -17.11
CA LYS A 205 9.77 -0.98 -18.04
C LYS A 205 11.24 -1.06 -17.64
N GLN A 206 11.77 0.04 -17.10
CA GLN A 206 13.17 0.14 -16.73
C GLN A 206 13.54 -0.83 -15.60
N ALA A 207 12.65 -0.92 -14.61
CA ALA A 207 12.83 -1.86 -13.50
C ALA A 207 12.60 -3.30 -13.95
N PHE A 208 11.76 -3.47 -14.97
CA PHE A 208 11.48 -4.78 -15.54
C PHE A 208 12.68 -5.32 -16.32
N ASP A 209 13.21 -4.50 -17.23
CA ASP A 209 14.32 -4.89 -18.10
C ASP A 209 15.59 -5.30 -17.33
N ASP A 210 15.94 -4.52 -16.32
CA ASP A 210 17.13 -4.78 -15.51
C ASP A 210 16.99 -6.08 -14.70
N ALA A 211 15.77 -6.39 -14.30
CA ALA A 211 15.45 -7.64 -13.60
C ALA A 211 15.48 -8.84 -14.55
N ILE A 212 15.22 -8.59 -15.84
CA ILE A 212 15.20 -9.64 -16.87
C ILE A 212 16.61 -10.12 -17.22
N ALA A 213 17.53 -9.18 -17.45
CA ALA A 213 18.93 -9.50 -17.74
C ALA A 213 19.61 -10.23 -16.57
N GLU A 214 19.08 -10.02 -15.37
CA GLU A 214 19.58 -10.65 -14.16
C GLU A 214 19.04 -12.07 -13.97
N LEU A 215 17.77 -12.26 -14.35
CA LEU A 215 17.00 -13.49 -14.09
C LEU A 215 17.87 -14.74 -13.89
N ASP A 216 18.49 -15.22 -14.97
CA ASP A 216 19.39 -16.38 -14.96
C ASP A 216 18.90 -17.56 -14.12
N TYR A 223 13.46 -15.94 -6.52
CA TYR A 223 12.28 -16.57 -7.10
C TYR A 223 11.05 -16.41 -6.20
N LYS A 224 9.91 -16.92 -6.69
CA LYS A 224 8.62 -16.91 -5.97
C LYS A 224 8.03 -15.51 -5.78
N ASP A 225 8.63 -14.73 -4.88
CA ASP A 225 8.16 -13.36 -4.59
C ASP A 225 8.50 -12.40 -5.73
N SER A 226 9.74 -12.50 -6.24
CA SER A 226 10.22 -11.66 -7.33
C SER A 226 9.44 -11.90 -8.62
N THR A 227 9.18 -13.18 -8.91
CA THR A 227 8.48 -13.61 -10.12
C THR A 227 7.09 -12.96 -10.24
N LEU A 228 6.38 -12.91 -9.11
CA LEU A 228 5.01 -12.39 -9.05
C LEU A 228 4.94 -10.89 -9.36
N ILE A 229 5.86 -10.11 -8.79
CA ILE A 229 5.89 -8.66 -8.92
C ILE A 229 6.12 -8.20 -10.37
N MET A 230 7.01 -8.90 -11.08
CA MET A 230 7.27 -8.63 -12.49
C MET A 230 6.01 -8.74 -13.33
N GLN A 231 5.17 -9.73 -12.99
CA GLN A 231 3.90 -9.97 -13.67
C GLN A 231 2.92 -8.83 -13.44
N LEU A 232 2.96 -8.22 -12.26
CA LEU A 232 2.14 -7.05 -11.95
C LEU A 232 2.56 -5.83 -12.75
N LEU A 233 3.87 -5.68 -12.95
CA LEU A 233 4.42 -4.58 -13.75
C LEU A 233 3.94 -4.67 -15.20
N ARG A 234 4.07 -5.86 -15.79
CA ARG A 234 3.66 -6.12 -17.17
C ARG A 234 2.16 -5.91 -17.37
N ASP A 235 1.37 -6.30 -16.37
CA ASP A 235 -0.08 -6.13 -16.40
C ASP A 235 -0.50 -4.66 -16.35
N ASN A 236 0.27 -3.86 -15.61
CA ASN A 236 0.02 -2.43 -15.51
C ASN A 236 0.31 -1.69 -16.82
N LEU A 237 1.42 -2.03 -17.47
CA LEU A 237 1.79 -1.46 -18.77
C LEU A 237 0.70 -1.68 -19.81
N THR A 238 0.26 -2.93 -19.93
CA THR A 238 -0.78 -3.32 -20.89
C THR A 238 -2.13 -2.68 -20.57
N LEU A 239 -2.30 -2.26 -19.32
CA LEU A 239 -3.51 -1.56 -18.88
C LEU A 239 -3.36 -0.05 -19.03
N TRP A 240 -2.13 0.46 -18.87
CA TRP A 240 -1.84 1.88 -19.03
C TRP A 240 -1.72 2.28 -20.51
N THR A 241 -1.77 1.28 -21.38
CA THR A 241 -1.78 1.50 -22.83
C THR A 241 -3.00 0.78 -23.43
N SER A 242 -4.19 1.31 -23.17
CA SER A 242 -5.43 0.68 -23.60
C SER A 242 -6.44 1.66 -24.19
N ASP A 243 -6.80 2.67 -23.41
CA ASP A 243 -7.80 3.67 -23.82
C ASP A 243 -7.18 5.04 -24.05
N ARG B 1 -4.33 -15.83 -7.33
CA ARG B 1 -3.38 -15.17 -6.38
C ARG B 1 -3.47 -13.65 -6.47
N ARG B 2 -4.08 -13.16 -7.54
CA ARG B 2 -4.23 -11.71 -7.78
C ARG B 2 -5.29 -11.10 -6.87
N GLU B 3 -6.34 -11.86 -6.61
CA GLU B 3 -7.39 -11.45 -5.67
C GLU B 3 -7.02 -11.80 -4.22
N LEU B 4 -5.85 -12.39 -4.05
CA LEU B 4 -5.36 -12.80 -2.73
C LEU B 4 -4.23 -11.91 -2.21
N HIS B 5 -3.61 -11.15 -3.11
CA HIS B 5 -2.43 -10.35 -2.77
C HIS B 5 -2.50 -8.87 -3.14
N THR B 6 -3.41 -8.51 -4.04
CA THR B 6 -3.56 -7.11 -4.46
C THR B 6 -4.93 -6.54 -4.11
N LEU B 7 -4.99 -5.22 -3.97
CA LEU B 7 -6.26 -4.52 -3.71
C LEU B 7 -7.17 -4.58 -4.94
N LYS B 8 -6.58 -4.41 -6.13
CA LYS B 8 -7.31 -4.45 -7.38
C LYS B 8 -8.07 -5.76 -7.57
N GLY B 9 -7.41 -6.87 -7.25
CA GLY B 9 -8.00 -8.21 -7.37
C GLY B 9 -9.16 -8.45 -6.43
N HIS B 10 -8.96 -8.08 -5.15
CA HIS B 10 -9.99 -8.24 -4.12
C HIS B 10 -11.21 -7.36 -4.38
N VAL B 11 -10.97 -6.14 -4.87
CA VAL B 11 -12.05 -5.21 -5.23
C VAL B 11 -12.90 -5.77 -6.37
N GLU B 12 -12.23 -6.26 -7.42
CA GLU B 12 -12.91 -6.82 -8.58
C GLU B 12 -13.56 -8.18 -8.30
N ALA B 13 -13.06 -8.86 -7.27
CA ALA B 13 -13.66 -10.12 -6.82
C ALA B 13 -14.96 -9.85 -6.06
N VAL B 14 -14.95 -8.83 -5.21
CA VAL B 14 -16.11 -8.45 -4.42
C VAL B 14 -17.22 -7.82 -5.28
N VAL B 15 -16.83 -6.91 -6.17
CA VAL B 15 -17.78 -6.17 -7.01
C VAL B 15 -18.54 -7.08 -7.99
N LYS B 16 -17.90 -8.15 -8.45
CA LYS B 16 -18.53 -9.10 -9.37
C LYS B 16 -19.41 -10.10 -8.62
N LEU B 17 -19.02 -10.42 -7.39
CA LEU B 17 -19.71 -11.42 -6.58
C LEU B 17 -21.02 -10.89 -5.99
N LYS B 18 -21.15 -9.57 -5.91
CA LYS B 18 -22.33 -8.93 -5.32
C LYS B 18 -23.39 -8.49 -6.33
N GLY B 19 -23.10 -8.69 -7.61
CA GLY B 19 -24.03 -8.36 -8.69
C GLY B 19 -24.30 -6.88 -8.87
N LEU B 20 -23.33 -6.06 -8.47
CA LEU B 20 -23.46 -4.61 -8.55
C LEU B 20 -23.13 -4.13 -9.97
N ASP B 21 -24.13 -3.53 -10.62
CA ASP B 21 -24.04 -3.17 -12.03
C ASP B 21 -23.42 -1.79 -12.30
N ILE B 22 -22.80 -1.20 -11.27
CA ILE B 22 -22.09 0.07 -11.42
C ILE B 22 -20.84 -0.09 -12.30
N GLU B 23 -20.44 1.00 -12.95
CA GLU B 23 -19.32 0.96 -13.90
C GLU B 23 -17.97 0.74 -13.21
N THR B 24 -17.15 -0.10 -13.84
CA THR B 24 -15.87 -0.55 -13.29
C THR B 24 -14.95 0.61 -12.93
N ILE B 25 -14.48 0.61 -11.68
CA ILE B 25 -13.57 1.62 -11.18
C ILE B 25 -12.15 1.43 -11.74
N GLN B 26 -11.52 2.52 -12.14
CA GLN B 26 -10.14 2.48 -12.62
C GLN B 26 -9.17 2.31 -11.46
N GLN B 27 -8.28 1.33 -11.59
CA GLN B 27 -7.32 0.99 -10.53
C GLN B 27 -6.14 0.21 -11.10
N SER B 28 -5.01 0.27 -10.39
CA SER B 28 -3.80 -0.42 -10.82
C SER B 28 -3.30 -1.37 -9.72
N TYR B 29 -2.46 -2.32 -10.11
CA TYR B 29 -1.93 -3.32 -9.19
C TYR B 29 -0.83 -2.74 -8.30
N ASP B 30 -1.00 -2.93 -6.99
CA ASP B 30 -0.03 -2.44 -6.00
C ASP B 30 0.05 -3.36 -4.79
N ILE B 31 1.22 -3.42 -4.16
CA ILE B 31 1.41 -4.19 -2.93
C ILE B 31 1.79 -3.25 -1.77
#